data_6A8O
#
_entry.id   6A8O
#
_cell.length_a   71.260
_cell.length_b   82.450
_cell.length_c   105.320
_cell.angle_alpha   90.00
_cell.angle_beta   90.00
_cell.angle_gamma   90.00
#
_symmetry.space_group_name_H-M   'P 21 21 21'
#
loop_
_entity.id
_entity.type
_entity.pdbx_description
1 polymer 'Plasma kallikrein'
2 polymer 'peptide inhibitor,'
3 non-polymer alpha-D-mannopyranose
4 non-polymer piperidine-1-carboximidamide
#
loop_
_entity_poly.entity_id
_entity_poly.type
_entity_poly.pdbx_seq_one_letter_code
_entity_poly.pdbx_strand_id
1 'polypeptide(L)'
;IVGGTNASLGEWPWQVSLQVKLVSQTHLCGGSIIGRQWVLTAAHCFDGIPYPDVWRIYGGILSLSEITKETPSSRIKELI
IHQEYKVSEGNYDIALIKLQTPLNYTEFQKPISLPSKADTNTIYTNCWVTGWGYTKEQGETQNILQKATIPLVPNEECQK
KYRDYVINKQMICAGYKEGGTDACKGDSGGPLVCKHSGRWQLVGITSWGEGCARKDQPGVYTKVSEYMDWILEKTQSSDV
RALETSSA
;
A,B
2 'polypeptide(L)' CPAYSAYLDC P
#
# COMPACT_ATOMS: atom_id res chain seq x y z
N ILE A 1 7.61 15.32 18.71
CA ILE A 1 8.94 14.57 18.92
C ILE A 1 9.07 14.13 20.39
N VAL A 2 9.63 12.95 20.65
CA VAL A 2 9.88 12.42 22.03
C VAL A 2 11.33 12.72 22.47
N GLY A 3 11.51 13.29 23.66
CA GLY A 3 12.83 13.70 24.19
C GLY A 3 13.22 15.08 23.70
N GLY A 4 12.36 15.74 22.90
CA GLY A 4 12.68 17.02 22.27
C GLY A 4 12.54 18.17 23.25
N THR A 5 12.64 19.41 22.75
CA THR A 5 12.44 20.69 23.47
C THR A 5 11.92 21.70 22.45
N ASN A 6 11.34 22.83 22.90
CA ASN A 6 10.79 23.91 22.02
C ASN A 6 11.85 24.33 21.01
N ALA A 7 11.61 24.08 19.72
CA ALA A 7 12.33 24.76 18.62
C ALA A 7 12.07 26.27 18.73
N SER A 8 12.66 27.07 17.85
CA SER A 8 12.56 28.54 17.92
C SER A 8 12.28 29.15 16.54
N LEU A 9 11.45 30.18 16.49
CA LEU A 9 10.94 30.73 15.22
C LEU A 9 12.12 31.12 14.33
N GLY A 10 12.37 30.36 13.26
CA GLY A 10 13.46 30.59 12.30
C GLY A 10 14.48 29.47 12.33
N GLU A 11 14.49 28.66 13.39
CA GLU A 11 15.47 27.56 13.59
C GLU A 11 15.39 26.56 12.43
N TRP A 12 14.18 26.25 11.93
CA TRP A 12 13.94 25.21 10.90
C TRP A 12 12.93 25.69 9.87
N PRO A 13 13.32 26.63 8.97
CA PRO A 13 12.33 27.34 8.13
C PRO A 13 11.75 26.52 6.97
N TRP A 14 12.36 25.36 6.65
CA TRP A 14 11.89 24.36 5.67
C TRP A 14 10.74 23.50 6.21
N GLN A 15 10.55 23.41 7.52
CA GLN A 15 9.49 22.62 8.18
C GLN A 15 8.10 23.16 7.83
N VAL A 16 7.20 22.27 7.40
CA VAL A 16 5.76 22.60 7.14
C VAL A 16 4.91 21.59 7.90
N SER A 17 3.76 22.03 8.42
CA SER A 17 2.68 21.13 8.89
C SER A 17 1.79 20.78 7.69
N LEU A 18 1.37 19.53 7.60
CA LEU A 18 0.41 19.06 6.56
C LEU A 18 -0.89 18.73 7.27
N GLN A 19 -1.94 19.45 6.93
CA GLN A 19 -3.21 19.44 7.69
C GLN A 19 -4.37 19.12 6.77
N VAL A 20 -5.38 18.47 7.32
CA VAL A 20 -6.61 18.13 6.55
C VAL A 20 -7.65 19.14 6.98
N LYS A 21 -8.14 19.95 6.04
CA LYS A 21 -9.21 20.95 6.36
C LYS A 21 -10.50 20.55 5.69
N LEU A 22 -11.58 20.47 6.48
CA LEU A 22 -13.00 20.46 5.99
C LEU A 22 -13.61 21.80 6.37
N VAL A 23 -14.06 21.88 7.61
CA VAL A 23 -14.35 23.15 8.32
C VAL A 23 -13.27 23.23 9.42
N SER A 24 -13.18 22.18 10.24
CA SER A 24 -12.05 21.90 11.18
C SER A 24 -10.74 21.77 10.40
N GLN A 25 -9.66 21.65 11.16
CA GLN A 25 -8.28 21.45 10.67
C GLN A 25 -7.58 20.48 11.62
N THR A 26 -6.80 19.53 11.10
CA THR A 26 -5.99 18.59 11.93
C THR A 26 -4.60 18.47 11.31
N HIS A 27 -3.57 18.78 12.09
CA HIS A 27 -2.17 18.44 11.78
C HIS A 27 -2.04 16.91 11.72
N LEU A 28 -1.63 16.35 10.59
CA LEU A 28 -1.51 14.88 10.42
C LEU A 28 -0.06 14.50 10.21
N CYS A 29 0.68 15.31 9.45
CA CYS A 29 2.03 14.98 8.93
C CYS A 29 2.92 16.22 8.95
N GLY A 30 4.22 15.99 8.79
CA GLY A 30 5.17 17.06 8.44
C GLY A 30 5.67 16.88 7.04
N GLY A 31 6.36 17.89 6.53
CA GLY A 31 7.12 17.82 5.27
C GLY A 31 8.22 18.86 5.27
N SER A 32 9.00 18.87 4.21
CA SER A 32 10.14 19.80 4.02
C SER A 32 9.98 20.55 2.68
N ILE A 33 9.95 21.88 2.71
CA ILE A 33 10.06 22.75 1.49
C ILE A 33 11.41 22.47 0.82
N ILE A 34 11.45 22.04 -0.45
CA ILE A 34 12.71 21.80 -1.20
C ILE A 34 12.77 22.66 -2.47
N GLY A 35 11.79 23.56 -2.62
CA GLY A 35 11.47 24.26 -3.88
C GLY A 35 10.37 25.28 -3.65
N ARG A 36 10.27 26.26 -4.54
CA ARG A 36 9.16 27.26 -4.50
C ARG A 36 7.82 26.53 -4.50
N GLN A 37 7.67 25.46 -5.29
CA GLN A 37 6.38 24.74 -5.49
C GLN A 37 6.42 23.30 -4.93
N TRP A 38 7.52 22.88 -4.31
CA TRP A 38 7.74 21.46 -3.97
C TRP A 38 7.91 21.24 -2.48
N VAL A 39 7.18 20.26 -1.95
CA VAL A 39 7.31 19.79 -0.55
C VAL A 39 7.59 18.29 -0.61
N LEU A 40 8.58 17.83 0.14
CA LEU A 40 8.95 16.39 0.23
C LEU A 40 8.43 15.86 1.57
N THR A 41 7.85 14.65 1.55
CA THR A 41 7.12 14.03 2.68
C THR A 41 7.01 12.51 2.45
N ALA A 42 6.30 11.80 3.33
CA ALA A 42 6.14 10.33 3.30
C ALA A 42 4.88 9.96 2.53
N ALA A 43 4.91 8.86 1.79
CA ALA A 43 3.77 8.35 1.00
C ALA A 43 2.62 7.94 1.92
N HIS A 44 2.94 7.43 3.10
CA HIS A 44 1.97 6.87 4.09
C HIS A 44 1.21 7.97 4.85
N CYS A 45 1.58 9.21 4.59
CA CYS A 45 0.82 10.35 5.14
C CYS A 45 -0.51 10.47 4.41
N PHE A 46 -0.58 9.94 3.18
CA PHE A 46 -1.80 10.05 2.34
C PHE A 46 -2.49 8.71 2.10
N ASP A 47 -2.23 7.73 2.94
CA ASP A 47 -2.83 6.39 2.68
C ASP A 47 -4.31 6.47 3.03
N GLY A 48 -4.61 6.90 4.26
CA GLY A 48 -5.97 7.11 4.76
C GLY A 48 -6.71 8.21 4.05
N ILE A 49 -6.06 9.32 3.73
CA ILE A 49 -6.75 10.46 3.05
C ILE A 49 -5.95 10.82 1.80
N PRO A 50 -6.15 10.11 0.69
CA PRO A 50 -5.39 10.38 -0.57
C PRO A 50 -6.03 11.46 -1.44
N TYR A 51 -7.05 12.13 -0.97
CA TYR A 51 -7.68 13.24 -1.73
C TYR A 51 -6.91 14.58 -1.51
N PRO A 52 -6.36 15.14 -2.60
CA PRO A 52 -5.61 16.44 -2.54
C PRO A 52 -6.30 17.76 -2.19
N ASP A 53 -7.54 18.00 -2.63
CA ASP A 53 -8.18 19.35 -2.37
C ASP A 53 -8.74 19.59 -0.93
N VAL A 54 -8.41 18.52 -0.07
CA VAL A 54 -8.69 18.44 1.39
C VAL A 54 -7.43 18.81 2.21
N TRP A 55 -6.23 18.70 1.62
CA TRP A 55 -4.94 19.02 2.27
C TRP A 55 -4.63 20.53 2.22
N ARG A 56 -4.04 21.04 3.30
CA ARG A 56 -3.49 22.40 3.44
C ARG A 56 -2.05 22.32 3.97
N ILE A 57 -1.17 23.19 3.48
CA ILE A 57 0.25 23.21 3.93
C ILE A 57 0.56 24.56 4.53
N TYR A 58 1.03 24.57 5.78
CA TYR A 58 1.48 25.78 6.49
C TYR A 58 2.99 25.69 6.72
N GLY A 59 3.71 26.72 6.26
CA GLY A 59 5.16 26.95 6.49
C GLY A 59 5.41 28.16 7.37
N GLY A 60 6.66 28.33 7.85
CA GLY A 60 7.12 29.51 8.61
C GLY A 60 6.17 29.89 9.75
N ILE A 61 5.63 28.89 10.43
CA ILE A 61 4.90 29.05 11.74
C ILE A 61 5.58 28.14 12.75
N LEU A 62 5.54 28.51 14.04
CA LEU A 62 6.20 27.74 15.13
C LEU A 62 5.16 26.91 15.86
N SER A 63 3.97 27.47 16.08
CA SER A 63 2.85 26.81 16.80
C SER A 63 1.63 26.72 15.88
N LEU A 64 0.76 25.74 16.14
CA LEU A 64 -0.48 25.48 15.38
C LEU A 64 -1.57 26.43 15.93
N SER A 65 -1.44 26.82 17.20
CA SER A 65 -2.21 27.90 17.86
C SER A 65 -2.23 29.15 16.97
N GLU A 66 -1.07 29.55 16.45
CA GLU A 66 -0.92 30.75 15.57
C GLU A 66 -2.09 30.76 14.56
N ILE A 67 -2.49 29.57 14.09
CA ILE A 67 -3.40 29.41 12.92
C ILE A 67 -4.84 29.71 13.33
N THR A 68 -5.49 30.59 12.56
CA THR A 68 -6.95 30.73 12.41
C THR A 68 -7.22 30.97 10.91
N LYS A 69 -8.46 31.26 10.53
CA LYS A 69 -8.89 31.59 9.13
C LYS A 69 -7.93 32.63 8.52
N GLU A 70 -7.46 33.61 9.31
CA GLU A 70 -6.51 34.67 8.87
C GLU A 70 -5.33 34.04 8.09
N THR A 71 -4.77 32.96 8.64
CA THR A 71 -3.43 32.41 8.32
C THR A 71 -3.43 31.81 6.92
N PRO A 72 -2.55 32.31 6.02
CA PRO A 72 -2.53 31.84 4.63
C PRO A 72 -1.92 30.43 4.56
N SER A 73 -2.36 29.62 3.59
CA SER A 73 -2.03 28.17 3.49
C SER A 73 -1.89 27.76 2.03
N SER A 74 -0.81 27.08 1.66
CA SER A 74 -0.65 26.46 0.33
C SER A 74 -1.63 25.27 0.21
N ARG A 75 -1.90 24.87 -1.04
CA ARG A 75 -2.85 23.81 -1.46
C ARG A 75 -2.13 22.90 -2.43
N ILE A 76 -2.55 21.64 -2.54
CA ILE A 76 -1.91 20.65 -3.43
C ILE A 76 -2.47 20.81 -4.83
N LYS A 77 -1.59 21.06 -5.78
CA LYS A 77 -1.89 21.06 -7.23
C LYS A 77 -1.67 19.62 -7.70
N GLU A 78 -0.55 19.01 -7.33
CA GLU A 78 -0.23 17.61 -7.72
C GLU A 78 0.31 16.85 -6.50
N LEU A 79 -0.10 15.61 -6.34
CA LEU A 79 0.39 14.73 -5.27
C LEU A 79 1.01 13.52 -5.97
N ILE A 80 2.35 13.41 -5.91
CA ILE A 80 3.15 12.37 -6.60
C ILE A 80 3.72 11.38 -5.58
N ILE A 81 3.05 10.24 -5.39
CA ILE A 81 3.51 9.14 -4.50
C ILE A 81 4.44 8.22 -5.31
N HIS A 82 5.46 7.66 -4.67
CA HIS A 82 6.39 6.71 -5.33
C HIS A 82 5.60 5.54 -5.89
N GLN A 83 5.76 5.28 -7.20
CA GLN A 83 5.03 4.22 -7.96
C GLN A 83 5.24 2.84 -7.27
N GLU A 84 6.36 2.60 -6.58
CA GLU A 84 6.71 1.28 -5.98
C GLU A 84 6.28 1.20 -4.49
N TYR A 85 5.79 2.30 -3.91
CA TYR A 85 5.26 2.30 -2.52
C TYR A 85 4.03 1.41 -2.47
N LYS A 86 3.90 0.65 -1.40
CA LYS A 86 2.80 -0.33 -1.16
C LYS A 86 2.43 -0.23 0.31
N VAL A 87 1.15 -0.01 0.57
CA VAL A 87 0.63 0.29 1.92
C VAL A 87 0.98 -0.88 2.85
N SER A 88 0.98 -2.12 2.35
CA SER A 88 1.38 -3.36 3.07
C SER A 88 2.79 -3.21 3.67
N GLU A 89 3.75 -2.74 2.88
CA GLU A 89 5.20 -2.63 3.23
C GLU A 89 5.52 -1.16 3.52
N GLY A 90 6.62 -0.87 4.23
CA GLY A 90 7.12 0.50 4.43
C GLY A 90 8.39 0.78 3.63
N ASN A 91 8.45 0.35 2.36
CA ASN A 91 9.51 0.70 1.38
C ASN A 91 9.02 1.81 0.44
N TYR A 92 9.95 2.55 -0.15
CA TYR A 92 9.65 3.59 -1.16
C TYR A 92 8.72 4.61 -0.54
N ASP A 93 8.81 4.83 0.78
CA ASP A 93 7.92 5.72 1.56
C ASP A 93 8.34 7.17 1.31
N ILE A 94 7.91 7.72 0.18
CA ILE A 94 8.26 9.11 -0.21
C ILE A 94 7.18 9.62 -1.17
N ALA A 95 6.84 10.88 -1.01
CA ALA A 95 5.83 11.61 -1.79
C ALA A 95 6.31 13.05 -2.00
N LEU A 96 6.03 13.59 -3.18
CA LEU A 96 6.22 15.01 -3.54
C LEU A 96 4.87 15.69 -3.66
N ILE A 97 4.66 16.74 -2.87
CA ILE A 97 3.50 17.66 -3.03
C ILE A 97 3.92 18.86 -3.88
N LYS A 98 3.29 19.05 -5.04
CA LYS A 98 3.47 20.25 -5.86
C LYS A 98 2.44 21.25 -5.36
N LEU A 99 2.88 22.40 -4.89
CA LEU A 99 1.98 23.46 -4.37
C LEU A 99 1.33 24.16 -5.57
N GLN A 100 0.13 24.72 -5.38
CA GLN A 100 -0.58 25.51 -6.43
C GLN A 100 0.26 26.78 -6.71
N THR A 101 0.22 27.78 -5.84
CA THR A 101 0.97 29.06 -6.02
C THR A 101 2.39 28.87 -5.48
N PRO A 102 3.45 29.34 -6.18
CA PRO A 102 4.82 29.37 -5.63
C PRO A 102 4.99 30.08 -4.28
N LEU A 103 5.91 29.57 -3.47
CA LEU A 103 6.18 30.14 -2.12
C LEU A 103 7.05 31.41 -2.25
N ASN A 104 6.89 32.35 -1.33
CA ASN A 104 7.67 33.61 -1.24
C ASN A 104 8.59 33.48 -0.01
N TYR A 105 9.86 33.09 -0.23
CA TYR A 105 10.82 32.80 0.86
C TYR A 105 11.02 34.02 1.78
N THR A 106 11.28 33.74 3.05
CA THR A 106 11.47 34.73 4.15
C THR A 106 12.56 34.20 5.08
N GLU A 107 12.74 34.81 6.26
CA GLU A 107 13.63 34.34 7.36
C GLU A 107 13.03 33.06 7.95
N PHE A 108 11.71 32.91 7.81
CA PHE A 108 10.88 31.90 8.52
C PHE A 108 10.55 30.70 7.61
N GLN A 109 10.75 30.84 6.30
CA GLN A 109 10.26 29.90 5.26
C GLN A 109 11.33 29.86 4.16
N LYS A 110 12.11 28.80 4.09
CA LYS A 110 13.20 28.64 3.11
C LYS A 110 13.30 27.18 2.76
N PRO A 111 13.77 26.81 1.56
CA PRO A 111 14.03 25.42 1.23
C PRO A 111 15.12 24.82 2.12
N ILE A 112 15.50 23.57 1.81
CA ILE A 112 16.65 22.84 2.40
C ILE A 112 17.32 22.11 1.25
N SER A 113 18.64 21.93 1.34
CA SER A 113 19.47 21.25 0.31
C SER A 113 19.26 19.75 0.39
N LEU A 114 19.03 19.12 -0.74
CA LEU A 114 18.99 17.65 -0.81
C LEU A 114 20.42 17.14 -0.76
N PRO A 115 20.66 15.93 -0.20
CA PRO A 115 21.96 15.28 -0.33
C PRO A 115 22.27 15.02 -1.82
N SER A 116 23.50 14.62 -2.12
CA SER A 116 23.93 14.18 -3.47
C SER A 116 23.99 12.64 -3.51
N LYS A 117 23.69 12.08 -4.68
CA LYS A 117 23.60 10.61 -4.93
C LYS A 117 24.82 9.90 -4.33
N ALA A 118 26.02 10.49 -4.42
CA ALA A 118 27.31 9.87 -4.01
C ALA A 118 27.48 9.88 -2.49
N ASP A 119 26.65 10.69 -1.83
CA ASP A 119 26.64 10.87 -0.36
C ASP A 119 26.11 9.58 0.28
N THR A 120 25.57 8.66 -0.53
CA THR A 120 25.15 7.40 0.09
C THR A 120 26.40 6.74 0.66
N ASN A 121 26.30 6.26 1.89
CA ASN A 121 27.34 5.65 2.77
C ASN A 121 28.10 6.72 3.56
N THR A 122 27.86 8.01 3.31
CA THR A 122 28.56 9.05 4.12
C THR A 122 28.04 8.95 5.55
N ILE A 123 28.88 9.12 6.56
CA ILE A 123 28.33 9.01 7.93
C ILE A 123 28.14 10.42 8.45
N TYR A 124 26.88 10.80 8.64
CA TYR A 124 26.50 12.14 9.13
C TYR A 124 26.47 12.09 10.66
N THR A 125 26.71 13.21 11.33
CA THR A 125 27.07 13.24 12.78
C THR A 125 26.40 14.38 13.56
N ASN A 126 25.80 15.38 12.90
CA ASN A 126 25.12 16.52 13.61
C ASN A 126 23.62 16.51 13.26
N CYS A 127 22.94 15.41 13.59
CA CYS A 127 21.60 15.01 13.06
C CYS A 127 20.45 15.50 13.96
N TRP A 128 19.48 16.19 13.36
CA TRP A 128 18.25 16.73 14.04
C TRP A 128 16.97 16.18 13.38
N VAL A 129 15.97 15.83 14.19
CA VAL A 129 14.58 15.51 13.77
C VAL A 129 13.69 16.61 14.36
N THR A 130 12.80 17.19 13.55
CA THR A 130 11.79 18.20 13.97
C THR A 130 10.39 17.64 13.70
N GLY A 131 9.38 18.19 14.37
CA GLY A 131 7.97 17.88 14.11
C GLY A 131 7.06 18.30 15.24
N TRP A 132 5.74 18.19 15.02
CA TRP A 132 4.70 18.51 16.03
C TRP A 132 4.10 17.20 16.56
N GLY A 133 4.78 16.08 16.36
CA GLY A 133 4.25 14.77 16.76
C GLY A 133 4.15 14.64 18.27
N TYR A 134 3.62 13.49 18.72
CA TYR A 134 3.50 13.06 20.13
C TYR A 134 4.89 13.11 20.78
N THR A 135 4.94 13.55 22.05
CA THR A 135 6.14 13.58 22.93
C THR A 135 6.21 12.28 23.71
N LYS A 136 5.17 11.44 23.65
CA LYS A 136 5.15 10.10 24.29
C LYS A 136 4.17 9.22 23.51
N GLU A 137 4.42 7.90 23.46
CA GLU A 137 3.42 6.88 23.01
C GLU A 137 2.06 7.32 23.57
N GLN A 138 0.97 7.11 22.81
CA GLN A 138 -0.41 7.40 23.28
C GLN A 138 -0.51 8.84 23.84
N GLY A 139 0.42 9.72 23.47
CA GLY A 139 0.45 11.14 23.89
C GLY A 139 -0.55 11.94 23.09
N GLU A 140 -0.20 13.19 22.73
CA GLU A 140 -1.07 14.07 21.92
C GLU A 140 -0.21 15.01 21.06
N THR A 141 -0.81 15.59 20.03
CA THR A 141 -0.14 16.51 19.08
C THR A 141 0.30 17.78 19.81
N GLN A 142 1.48 18.31 19.47
CA GLN A 142 2.14 19.41 20.22
C GLN A 142 1.80 20.76 19.59
N ASN A 143 1.53 21.75 20.43
CA ASN A 143 1.16 23.13 20.00
C ASN A 143 2.39 23.79 19.38
N ILE A 144 3.57 23.54 19.96
CA ILE A 144 4.86 24.19 19.61
C ILE A 144 5.83 23.14 19.03
N LEU A 145 6.41 23.45 17.87
CA LEU A 145 7.42 22.62 17.17
C LEU A 145 8.48 22.11 18.15
N GLN A 146 8.88 20.84 18.03
CA GLN A 146 9.88 20.20 18.91
C GLN A 146 11.12 19.79 18.09
N LYS A 147 12.32 20.22 18.52
CA LYS A 147 13.61 19.83 17.91
C LYS A 147 14.24 18.77 18.82
N ALA A 148 15.04 17.87 18.26
CA ALA A 148 15.84 16.87 19.01
C ALA A 148 16.99 16.39 18.12
N THR A 149 18.19 16.27 18.70
CA THR A 149 19.37 15.69 18.02
C THR A 149 19.35 14.18 18.22
N ILE A 150 20.14 13.42 17.45
CA ILE A 150 20.04 11.94 17.43
C ILE A 150 21.16 11.35 16.59
N PRO A 151 21.84 10.28 17.08
CA PRO A 151 22.85 9.57 16.28
C PRO A 151 22.22 8.62 15.26
N LEU A 152 22.87 8.44 14.12
CA LEU A 152 22.44 7.40 13.16
C LEU A 152 23.01 6.06 13.63
N VAL A 153 22.32 4.98 13.32
CA VAL A 153 22.78 3.58 13.52
C VAL A 153 22.84 2.98 12.12
N PRO A 154 23.98 2.38 11.70
CA PRO A 154 24.11 1.87 10.34
C PRO A 154 23.21 0.65 10.12
N ASN A 155 22.95 0.36 8.86
CA ASN A 155 22.16 -0.83 8.48
C ASN A 155 23.04 -2.04 8.80
N GLU A 156 22.37 -3.12 9.22
CA GLU A 156 22.83 -4.47 9.69
C GLU A 156 22.89 -4.45 11.22
N GLU A 157 22.93 -3.25 11.80
CA GLU A 157 22.82 -3.10 13.27
C GLU A 157 21.32 -2.91 13.45
N CYS A 158 20.79 -2.03 12.60
CA CYS A 158 19.35 -1.72 12.52
C CYS A 158 18.55 -2.98 12.16
N GLN A 159 18.90 -3.66 11.07
CA GLN A 159 18.13 -4.81 10.52
C GLN A 159 18.05 -5.96 11.54
N LYS A 160 19.00 -6.02 12.49
CA LYS A 160 18.99 -6.96 13.65
C LYS A 160 17.69 -6.79 14.44
N LYS A 161 17.28 -5.55 14.73
CA LYS A 161 16.10 -5.24 15.59
C LYS A 161 14.78 -5.54 14.85
N TYR A 162 14.74 -5.36 13.53
CA TYR A 162 13.52 -5.55 12.70
C TYR A 162 13.60 -6.93 12.03
N ARG A 163 13.39 -7.93 12.89
CA ARG A 163 13.36 -9.38 12.60
C ARG A 163 12.56 -9.70 11.34
N ASP A 164 11.36 -9.12 11.17
CA ASP A 164 10.43 -9.47 10.05
C ASP A 164 10.46 -8.39 8.97
N TYR A 165 10.89 -7.16 9.30
CA TYR A 165 10.92 -5.99 8.36
C TYR A 165 12.31 -5.84 7.73
N VAL A 166 12.37 -5.75 6.40
CA VAL A 166 13.63 -5.61 5.64
C VAL A 166 14.10 -4.13 5.68
N ILE A 167 15.29 -3.88 6.24
CA ILE A 167 15.97 -2.55 6.30
C ILE A 167 17.06 -2.52 5.24
N ASN A 168 16.91 -1.67 4.23
CA ASN A 168 17.73 -1.71 2.99
C ASN A 168 18.49 -0.38 2.85
N LYS A 169 19.28 -0.27 1.78
CA LYS A 169 20.15 0.90 1.48
C LYS A 169 19.30 2.15 1.24
N GLN A 170 17.99 2.03 0.93
CA GLN A 170 17.12 3.20 0.67
C GLN A 170 16.57 3.75 2.02
N MET A 171 17.06 3.23 3.15
CA MET A 171 16.61 3.63 4.50
C MET A 171 17.81 3.99 5.37
N ILE A 172 17.59 4.84 6.36
CA ILE A 172 18.53 5.21 7.44
C ILE A 172 17.81 4.91 8.76
N CYS A 173 18.55 4.51 9.78
CA CYS A 173 18.01 4.37 11.15
C CYS A 173 18.64 5.42 12.06
N ALA A 174 17.99 5.75 13.17
CA ALA A 174 18.44 6.81 14.09
C ALA A 174 17.76 6.63 15.43
N GLY A 175 18.55 6.60 16.49
CA GLY A 175 18.01 6.50 17.85
C GLY A 175 19.08 6.08 18.84
N TYR A 176 18.74 6.17 20.13
CA TYR A 176 19.65 5.72 21.19
C TYR A 176 19.04 4.44 21.74
N LYS A 177 19.82 3.37 21.81
CA LYS A 177 19.41 2.05 22.35
C LYS A 177 18.65 2.27 23.67
N GLU A 178 19.30 2.91 24.64
CA GLU A 178 18.62 3.18 25.94
C GLU A 178 18.19 4.66 25.94
N GLY A 179 18.41 5.37 24.84
CA GLY A 179 18.20 6.83 24.67
C GLY A 179 16.77 7.33 24.83
N GLY A 180 15.78 6.64 24.25
CA GLY A 180 14.36 7.03 24.32
C GLY A 180 14.07 8.38 23.69
N THR A 181 14.78 8.71 22.61
CA THR A 181 14.59 9.98 21.87
C THR A 181 14.27 9.63 20.43
N ASP A 182 13.19 10.14 19.85
CA ASP A 182 12.63 9.47 18.64
C ASP A 182 11.56 10.34 17.97
N ALA A 183 11.02 9.86 16.86
CA ALA A 183 9.89 10.55 16.18
C ALA A 183 8.62 9.74 16.41
N CYS A 184 7.58 10.37 16.99
CA CYS A 184 6.26 9.74 17.28
C CYS A 184 5.23 10.23 16.24
N LYS A 185 3.95 9.93 16.49
CA LYS A 185 2.84 10.22 15.55
C LYS A 185 2.77 11.71 15.24
N GLY A 186 2.55 12.03 13.97
CA GLY A 186 2.45 13.42 13.49
C GLY A 186 3.79 13.94 13.01
N ASP A 187 4.86 13.17 13.22
CA ASP A 187 6.18 13.62 12.72
C ASP A 187 6.44 12.97 11.36
N SER A 188 5.64 11.97 11.02
CA SER A 188 5.81 11.26 9.72
C SER A 188 5.85 12.29 8.57
N GLY A 189 6.75 12.05 7.62
CA GLY A 189 6.95 12.92 6.45
C GLY A 189 7.80 14.13 6.80
N GLY A 190 8.01 14.38 8.10
CA GLY A 190 8.92 15.42 8.61
C GLY A 190 10.39 15.13 8.30
N PRO A 191 11.27 16.16 8.37
CA PRO A 191 12.65 16.04 7.90
C PRO A 191 13.58 15.46 8.97
N LEU A 192 14.52 14.61 8.56
CA LEU A 192 15.77 14.32 9.32
C LEU A 192 16.93 15.07 8.64
N VAL A 193 17.33 16.20 9.19
CA VAL A 193 18.40 17.09 8.62
C VAL A 193 19.72 16.94 9.40
N CYS A 194 20.78 16.55 8.72
CA CYS A 194 22.14 16.44 9.28
C CYS A 194 23.06 17.49 8.64
N LYS A 195 23.49 18.51 9.39
CA LYS A 195 24.45 19.55 8.93
C LYS A 195 25.75 18.85 8.53
N HIS A 196 26.31 19.15 7.35
CA HIS A 196 27.49 18.36 6.90
C HIS A 196 28.69 19.24 6.50
N SER A 197 28.77 19.58 5.22
CA SER A 197 29.93 20.38 4.75
C SER A 197 29.91 21.73 5.46
N GLY A 198 28.75 22.39 5.50
CA GLY A 198 28.68 23.69 6.20
C GLY A 198 27.24 24.15 6.34
N ARG A 199 26.32 23.43 5.70
CA ARG A 199 24.88 23.81 5.76
C ARG A 199 24.05 22.56 6.06
N TRP A 200 22.83 22.79 6.55
CA TRP A 200 21.90 21.69 6.85
C TRP A 200 21.41 21.08 5.53
N GLN A 201 21.35 19.76 5.45
CA GLN A 201 20.80 19.11 4.24
C GLN A 201 19.85 18.00 4.69
N LEU A 202 18.72 17.83 3.99
CA LEU A 202 17.72 16.80 4.34
C LEU A 202 18.31 15.42 4.06
N VAL A 203 18.53 14.62 5.10
CA VAL A 203 19.19 13.31 4.94
C VAL A 203 18.15 12.18 4.89
N GLY A 204 17.09 12.30 5.69
CA GLY A 204 15.98 11.32 5.73
C GLY A 204 14.64 11.97 6.00
N ILE A 205 13.57 11.23 5.68
CA ILE A 205 12.16 11.59 5.92
C ILE A 205 11.63 10.62 6.98
N THR A 206 11.08 11.13 8.06
CA THR A 206 10.42 10.30 9.10
C THR A 206 9.44 9.27 8.46
N SER A 207 9.68 7.98 8.65
CA SER A 207 8.91 6.87 8.00
C SER A 207 8.13 6.05 9.04
N TRP A 208 8.76 5.04 9.64
CA TRP A 208 7.97 4.14 10.50
C TRP A 208 8.72 3.60 11.70
N GLY A 209 8.04 2.63 12.33
CA GLY A 209 8.41 1.87 13.53
C GLY A 209 7.35 2.07 14.59
N GLU A 210 6.42 1.12 14.76
CA GLU A 210 5.39 1.30 15.81
C GLU A 210 6.17 1.41 17.12
N GLY A 211 5.91 2.45 17.90
CA GLY A 211 6.69 2.68 19.13
C GLY A 211 7.39 4.02 19.03
N CYS A 212 7.64 4.65 20.16
CA CYS A 212 8.37 5.93 20.12
C CYS A 212 9.48 5.83 21.15
N ALA A 213 10.72 5.71 20.70
CA ALA A 213 11.91 5.61 21.58
C ALA A 213 11.77 4.49 22.61
N ARG A 214 11.27 3.32 22.18
CA ARG A 214 11.52 2.07 22.94
C ARG A 214 13.01 1.76 22.93
N LYS A 215 13.56 1.35 24.07
CA LYS A 215 15.02 1.05 24.12
C LYS A 215 15.30 -0.03 23.07
N ASP A 216 16.25 0.23 22.20
CA ASP A 216 16.61 -0.78 21.16
C ASP A 216 15.59 -0.76 20.01
N GLN A 217 14.89 0.36 19.79
CA GLN A 217 13.91 0.52 18.67
C GLN A 217 14.18 1.85 17.97
N PRO A 218 15.24 1.91 17.12
CA PRO A 218 15.59 3.14 16.41
C PRO A 218 14.60 3.49 15.28
N GLY A 219 14.28 4.77 15.16
CA GLY A 219 13.46 5.33 14.07
C GLY A 219 14.03 4.96 12.70
N VAL A 220 13.18 4.46 11.80
CA VAL A 220 13.49 4.29 10.35
C VAL A 220 13.08 5.54 9.55
N TYR A 221 13.94 5.94 8.61
CA TYR A 221 13.77 7.14 7.72
C TYR A 221 14.11 6.75 6.30
N THR A 222 13.25 7.12 5.36
CA THR A 222 13.54 7.04 3.91
C THR A 222 14.82 7.83 3.68
N LYS A 223 15.79 7.24 2.98
CA LYS A 223 17.14 7.83 2.77
C LYS A 223 17.11 8.72 1.51
N VAL A 224 17.00 10.03 1.68
CA VAL A 224 16.71 11.00 0.59
C VAL A 224 17.76 10.87 -0.52
N SER A 225 18.97 10.44 -0.18
CA SER A 225 20.10 10.40 -1.14
C SER A 225 19.83 9.34 -2.22
N GLU A 226 18.93 8.39 -1.98
CA GLU A 226 18.69 7.24 -2.88
C GLU A 226 17.51 7.54 -3.81
N TYR A 227 16.87 8.69 -3.66
CA TYR A 227 15.70 9.09 -4.49
C TYR A 227 15.96 10.43 -5.17
N MET A 228 17.23 10.81 -5.29
CA MET A 228 17.66 12.06 -5.96
C MET A 228 17.27 11.96 -7.43
N ASP A 229 17.68 10.87 -8.09
CA ASP A 229 17.20 10.49 -9.44
C ASP A 229 15.69 10.76 -9.53
N TRP A 230 14.92 10.08 -8.68
CA TRP A 230 13.44 10.14 -8.72
C TRP A 230 12.99 11.59 -8.52
N ILE A 231 13.57 12.31 -7.56
CA ILE A 231 13.05 13.65 -7.13
C ILE A 231 13.28 14.62 -8.29
N LEU A 232 14.47 14.62 -8.86
CA LEU A 232 14.83 15.54 -9.95
C LEU A 232 14.03 15.12 -11.18
N GLU A 233 13.92 13.81 -11.45
CA GLU A 233 13.10 13.30 -12.57
C GLU A 233 11.66 13.80 -12.43
N LYS A 234 11.14 13.96 -11.21
CA LYS A 234 9.72 14.35 -11.00
C LYS A 234 9.58 15.86 -10.99
N THR A 235 10.67 16.61 -10.78
CA THR A 235 10.74 18.09 -10.93
C THR A 235 11.38 18.44 -12.30
N GLN A 236 10.71 18.03 -13.38
CA GLN A 236 11.17 18.09 -14.80
C GLN A 236 11.95 19.39 -15.04
N ILE B 1 -10.11 -20.07 -16.55
CA ILE B 1 -10.69 -18.90 -17.26
C ILE B 1 -11.42 -19.38 -18.53
N VAL B 2 -12.62 -18.87 -18.80
CA VAL B 2 -13.33 -19.10 -20.09
C VAL B 2 -12.79 -18.06 -21.07
N GLY B 3 -12.33 -18.51 -22.23
CA GLY B 3 -12.08 -17.69 -23.44
C GLY B 3 -10.77 -16.94 -23.37
N GLY B 4 -9.71 -17.59 -22.87
CA GLY B 4 -8.32 -17.08 -22.78
C GLY B 4 -7.30 -18.13 -23.25
N THR B 5 -6.08 -18.10 -22.72
CA THR B 5 -4.88 -18.81 -23.28
C THR B 5 -3.75 -18.86 -22.25
N ASN B 6 -2.78 -19.77 -22.43
CA ASN B 6 -1.59 -19.92 -21.55
C ASN B 6 -1.04 -18.53 -21.24
N ALA B 7 -0.74 -18.26 -19.98
CA ALA B 7 0.17 -17.18 -19.59
C ALA B 7 1.59 -17.70 -19.67
N SER B 8 2.57 -16.83 -19.45
CA SER B 8 4.01 -17.19 -19.36
C SER B 8 4.48 -16.97 -17.92
N LEU B 9 5.52 -17.69 -17.52
CA LEU B 9 6.42 -17.30 -16.39
C LEU B 9 6.62 -15.77 -16.38
N GLY B 10 6.26 -15.09 -15.30
CA GLY B 10 6.59 -13.66 -15.10
C GLY B 10 5.61 -12.69 -15.74
N GLU B 11 4.61 -13.11 -16.52
CA GLU B 11 3.53 -12.19 -17.00
C GLU B 11 2.75 -11.67 -15.77
N TRP B 12 2.37 -12.56 -14.84
CA TRP B 12 1.47 -12.25 -13.70
C TRP B 12 2.13 -12.71 -12.40
N PRO B 13 3.21 -12.02 -11.99
CA PRO B 13 4.04 -12.48 -10.88
C PRO B 13 3.42 -12.37 -9.47
N TRP B 14 2.19 -11.86 -9.38
CA TRP B 14 1.46 -11.67 -8.11
C TRP B 14 0.51 -12.84 -7.84
N GLN B 15 0.10 -13.57 -8.89
CA GLN B 15 -0.89 -14.67 -8.84
C GLN B 15 -0.35 -15.84 -8.00
N VAL B 16 -1.13 -16.35 -7.05
CA VAL B 16 -0.78 -17.55 -6.22
C VAL B 16 -1.92 -18.57 -6.33
N SER B 17 -1.58 -19.85 -6.32
CA SER B 17 -2.52 -20.98 -6.06
C SER B 17 -2.62 -21.19 -4.55
N LEU B 18 -3.82 -21.15 -4.00
CA LEU B 18 -4.09 -21.59 -2.61
C LEU B 18 -4.53 -23.05 -2.71
N GLN B 19 -3.93 -23.93 -1.91
CA GLN B 19 -4.27 -25.37 -1.97
C GLN B 19 -4.61 -25.90 -0.56
N VAL B 20 -5.42 -26.94 -0.53
CA VAL B 20 -5.83 -27.60 0.73
C VAL B 20 -5.16 -28.97 0.78
N LYS B 21 -4.61 -29.35 1.92
CA LYS B 21 -4.02 -30.71 2.02
C LYS B 21 -4.86 -31.48 3.03
N LEU B 22 -5.61 -32.47 2.56
CA LEU B 22 -6.39 -33.37 3.43
C LEU B 22 -5.74 -34.74 3.25
N VAL B 23 -6.44 -35.70 2.66
CA VAL B 23 -5.76 -37.00 2.35
C VAL B 23 -4.75 -36.71 1.24
N SER B 24 -5.16 -35.89 0.27
CA SER B 24 -4.30 -35.47 -0.87
C SER B 24 -4.37 -33.95 -1.03
N GLN B 25 -3.45 -33.35 -1.78
CA GLN B 25 -3.44 -31.88 -1.89
C GLN B 25 -4.06 -31.43 -3.21
N THR B 26 -4.71 -30.27 -3.22
CA THR B 26 -5.34 -29.79 -4.47
C THR B 26 -5.60 -28.28 -4.46
N HIS B 27 -5.36 -27.66 -5.60
CA HIS B 27 -5.71 -26.23 -5.88
C HIS B 27 -7.22 -26.04 -5.72
N LEU B 28 -7.60 -24.97 -5.00
CA LEU B 28 -9.01 -24.58 -4.71
C LEU B 28 -9.26 -23.14 -5.13
N CYS B 29 -8.25 -22.27 -5.01
CA CYS B 29 -8.47 -20.79 -5.04
C CYS B 29 -7.23 -20.09 -5.56
N GLY B 30 -7.43 -18.94 -6.19
CA GLY B 30 -6.33 -17.99 -6.51
C GLY B 30 -6.19 -16.96 -5.42
N GLY B 31 -5.19 -16.11 -5.51
CA GLY B 31 -5.02 -14.93 -4.64
C GLY B 31 -3.92 -14.07 -5.19
N SER B 32 -3.66 -12.92 -4.57
CA SER B 32 -2.60 -12.02 -5.08
C SER B 32 -1.67 -11.63 -3.93
N ILE B 33 -0.37 -11.79 -4.15
CA ILE B 33 0.67 -11.13 -3.32
C ILE B 33 0.40 -9.62 -3.38
N ILE B 34 0.19 -8.99 -2.23
CA ILE B 34 0.16 -7.51 -2.12
C ILE B 34 1.31 -7.00 -1.24
N GLY B 35 1.99 -7.89 -0.51
CA GLY B 35 3.25 -7.57 0.19
C GLY B 35 4.02 -8.83 0.52
N ARG B 36 5.16 -8.71 1.19
CA ARG B 36 6.07 -9.83 1.52
C ARG B 36 5.31 -10.89 2.36
N GLN B 37 4.47 -10.47 3.30
CA GLN B 37 3.80 -11.36 4.28
C GLN B 37 2.29 -11.46 4.01
N TRP B 38 1.80 -10.93 2.89
CA TRP B 38 0.36 -10.59 2.69
C TRP B 38 -0.17 -11.10 1.35
N VAL B 39 -1.27 -11.83 1.38
CA VAL B 39 -1.96 -12.34 0.17
C VAL B 39 -3.43 -11.94 0.29
N LEU B 40 -4.03 -11.52 -0.81
CA LEU B 40 -5.40 -11.02 -0.82
C LEU B 40 -6.18 -12.02 -1.67
N THR B 41 -7.30 -12.53 -1.16
CA THR B 41 -8.19 -13.52 -1.84
C THR B 41 -9.64 -13.22 -1.50
N ALA B 42 -10.53 -14.18 -1.75
CA ALA B 42 -11.96 -14.02 -1.46
C ALA B 42 -12.30 -14.79 -0.20
N ALA B 43 -13.32 -14.33 0.53
CA ALA B 43 -13.76 -14.98 1.78
C ALA B 43 -14.34 -16.35 1.47
N HIS B 44 -15.06 -16.50 0.35
CA HIS B 44 -15.77 -17.75 -0.04
C HIS B 44 -14.82 -18.93 -0.25
N CYS B 45 -13.56 -18.68 -0.57
CA CYS B 45 -12.53 -19.74 -0.73
C CYS B 45 -12.38 -20.53 0.58
N PHE B 46 -12.49 -19.90 1.74
CA PHE B 46 -12.35 -20.61 3.03
C PHE B 46 -13.71 -20.95 3.63
N ASP B 47 -14.76 -20.90 2.83
CA ASP B 47 -16.10 -21.24 3.35
C ASP B 47 -16.02 -22.51 4.14
N GLY B 48 -15.84 -23.61 3.43
CA GLY B 48 -15.76 -24.95 4.03
C GLY B 48 -14.55 -25.19 4.92
N ILE B 49 -13.36 -24.72 4.55
CA ILE B 49 -12.17 -25.13 5.36
C ILE B 49 -11.45 -23.91 5.94
N PRO B 50 -11.85 -23.41 7.10
CA PRO B 50 -11.23 -22.23 7.67
C PRO B 50 -10.02 -22.52 8.55
N TYR B 51 -9.47 -23.72 8.48
CA TYR B 51 -8.28 -24.03 9.30
C TYR B 51 -7.03 -23.76 8.48
N PRO B 52 -6.24 -22.76 8.89
CA PRO B 52 -5.01 -22.37 8.19
C PRO B 52 -3.83 -23.36 8.06
N ASP B 53 -3.78 -24.40 8.90
CA ASP B 53 -2.69 -25.44 8.95
C ASP B 53 -2.69 -26.19 7.71
N VAL B 54 -3.97 -26.29 7.25
CA VAL B 54 -4.55 -27.24 6.18
C VAL B 54 -4.12 -26.62 4.84
N TRP B 55 -4.00 -25.28 4.77
CA TRP B 55 -3.75 -24.50 3.52
C TRP B 55 -2.27 -24.38 3.21
N ARG B 56 -1.97 -24.45 1.91
CA ARG B 56 -0.66 -24.20 1.28
C ARG B 56 -0.84 -23.12 0.21
N ILE B 57 0.11 -22.18 0.14
CA ILE B 57 0.14 -21.04 -0.83
C ILE B 57 1.42 -21.11 -1.64
N TYR B 58 1.31 -21.04 -2.96
CA TYR B 58 2.40 -21.26 -3.93
C TYR B 58 2.42 -20.09 -4.92
N GLY B 59 3.59 -19.48 -5.11
CA GLY B 59 3.85 -18.38 -6.05
C GLY B 59 4.92 -18.74 -7.06
N GLY B 60 5.31 -17.79 -7.91
CA GLY B 60 6.15 -18.02 -9.09
C GLY B 60 5.99 -19.42 -9.68
N ILE B 61 4.77 -19.86 -10.02
CA ILE B 61 4.57 -21.15 -10.76
C ILE B 61 3.58 -20.93 -11.90
N LEU B 62 3.82 -21.57 -13.05
CA LEU B 62 2.96 -21.40 -14.26
C LEU B 62 1.97 -22.55 -14.34
N SER B 63 2.33 -23.73 -13.83
CA SER B 63 1.43 -24.92 -13.84
C SER B 63 1.47 -25.67 -12.51
N LEU B 64 0.30 -26.13 -12.08
CA LEU B 64 0.09 -26.74 -10.75
C LEU B 64 0.91 -28.02 -10.69
N SER B 65 0.94 -28.71 -11.82
CA SER B 65 1.79 -29.89 -12.12
C SER B 65 3.23 -29.71 -11.58
N GLU B 66 3.74 -28.49 -11.44
CA GLU B 66 5.15 -28.27 -11.00
C GLU B 66 5.20 -28.11 -9.48
N ILE B 67 4.10 -28.37 -8.77
CA ILE B 67 4.06 -28.32 -7.28
C ILE B 67 3.98 -29.75 -6.77
N THR B 68 4.99 -30.18 -6.01
CA THR B 68 5.07 -31.48 -5.30
C THR B 68 4.92 -31.21 -3.79
N LYS B 69 5.33 -32.15 -2.94
CA LYS B 69 5.40 -32.00 -1.46
C LYS B 69 6.78 -31.48 -1.05
N GLU B 70 7.78 -31.54 -1.94
CA GLU B 70 9.15 -31.07 -1.64
C GLU B 70 9.27 -29.58 -2.04
N THR B 71 8.25 -29.04 -2.72
CA THR B 71 8.16 -27.59 -3.05
C THR B 71 7.94 -26.80 -1.76
N PRO B 72 8.74 -25.76 -1.48
CA PRO B 72 8.44 -24.87 -0.36
C PRO B 72 7.06 -24.20 -0.49
N SER B 73 6.30 -24.25 0.61
CA SER B 73 4.94 -23.67 0.79
C SER B 73 5.05 -22.41 1.65
N SER B 74 4.30 -21.38 1.31
CA SER B 74 3.93 -20.36 2.31
C SER B 74 2.73 -20.87 3.09
N ARG B 75 2.67 -20.55 4.37
CA ARG B 75 1.64 -21.09 5.31
C ARG B 75 0.99 -19.91 6.00
N ILE B 76 -0.21 -20.11 6.52
CA ILE B 76 -1.04 -19.02 7.07
C ILE B 76 -0.67 -18.79 8.55
N LYS B 77 0.11 -17.73 8.80
CA LYS B 77 0.35 -17.12 10.14
C LYS B 77 -0.97 -16.58 10.70
N GLU B 78 -1.89 -16.14 9.85
CA GLU B 78 -3.13 -15.45 10.27
C GLU B 78 -4.08 -15.35 9.08
N LEU B 79 -5.36 -15.61 9.33
CA LEU B 79 -6.45 -15.60 8.32
C LEU B 79 -7.52 -14.59 8.79
N ILE B 80 -7.56 -13.45 8.11
CA ILE B 80 -8.44 -12.29 8.43
C ILE B 80 -9.55 -12.23 7.38
N ILE B 81 -10.76 -12.62 7.74
CA ILE B 81 -11.97 -12.57 6.87
C ILE B 81 -12.87 -11.45 7.40
N HIS B 82 -13.28 -10.56 6.52
CA HIS B 82 -14.10 -9.37 6.88
C HIS B 82 -15.28 -9.83 7.75
N GLN B 83 -15.36 -9.33 8.99
CA GLN B 83 -16.43 -9.68 9.97
C GLN B 83 -17.81 -9.70 9.29
N GLU B 84 -18.05 -8.79 8.36
CA GLU B 84 -19.38 -8.63 7.72
C GLU B 84 -19.59 -9.74 6.70
N TYR B 85 -18.57 -10.57 6.49
CA TYR B 85 -18.78 -11.64 5.49
C TYR B 85 -19.67 -12.72 6.11
N LYS B 86 -20.76 -13.00 5.41
CA LYS B 86 -21.69 -14.07 5.82
C LYS B 86 -21.36 -15.23 4.90
N VAL B 87 -21.28 -16.45 5.43
CA VAL B 87 -20.80 -17.67 4.71
C VAL B 87 -21.62 -18.03 3.46
N SER B 88 -22.89 -17.64 3.38
CA SER B 88 -23.64 -17.96 2.15
C SER B 88 -24.23 -16.67 1.61
N GLU B 89 -23.37 -15.75 1.18
CA GLU B 89 -23.77 -14.43 0.62
C GLU B 89 -22.61 -13.92 -0.25
N GLY B 90 -22.87 -12.96 -1.12
CA GLY B 90 -21.79 -12.44 -1.97
C GLY B 90 -21.18 -11.16 -1.44
N ASN B 91 -21.69 -10.64 -0.33
CA ASN B 91 -21.18 -9.35 0.19
C ASN B 91 -19.94 -9.56 1.06
N TYR B 92 -19.05 -8.57 1.04
CA TYR B 92 -17.81 -8.51 1.87
C TYR B 92 -16.88 -9.68 1.57
N ASP B 93 -16.88 -10.12 0.32
CA ASP B 93 -16.12 -11.30 -0.14
C ASP B 93 -14.64 -10.91 -0.28
N ILE B 94 -13.90 -10.93 0.82
CA ILE B 94 -12.47 -10.52 0.82
C ILE B 94 -11.84 -11.06 2.08
N ALA B 95 -10.62 -11.56 1.95
CA ALA B 95 -9.84 -12.12 3.06
C ALA B 95 -8.38 -11.75 2.85
N LEU B 96 -7.68 -11.54 3.93
CA LEU B 96 -6.25 -11.23 3.98
C LEU B 96 -5.59 -12.45 4.59
N ILE B 97 -4.37 -12.73 4.20
CA ILE B 97 -3.63 -13.91 4.68
C ILE B 97 -2.26 -13.39 5.03
N LYS B 98 -1.91 -13.44 6.32
CA LYS B 98 -0.52 -13.19 6.73
C LYS B 98 0.23 -14.52 6.61
N LEU B 99 1.34 -14.53 5.89
CA LEU B 99 2.25 -15.70 5.75
C LEU B 99 3.16 -15.80 6.98
N GLN B 100 3.60 -17.01 7.30
CA GLN B 100 4.51 -17.33 8.44
C GLN B 100 5.85 -16.67 8.14
N THR B 101 6.35 -16.85 6.91
CA THR B 101 7.67 -16.35 6.45
C THR B 101 7.49 -15.31 5.34
N PRO B 102 8.10 -14.11 5.45
CA PRO B 102 8.12 -13.18 4.33
C PRO B 102 8.62 -13.90 3.07
N LEU B 103 8.02 -13.62 1.91
CA LEU B 103 8.40 -14.18 0.59
C LEU B 103 9.69 -13.50 0.12
N ASN B 104 10.53 -14.20 -0.63
CA ASN B 104 11.67 -13.62 -1.39
C ASN B 104 11.14 -13.26 -2.78
N TYR B 105 11.17 -11.97 -3.14
CA TYR B 105 10.70 -11.45 -4.46
C TYR B 105 11.70 -11.90 -5.52
N THR B 106 11.20 -12.25 -6.71
CA THR B 106 11.99 -12.72 -7.88
C THR B 106 11.36 -12.14 -9.14
N GLU B 107 11.87 -12.51 -10.32
CA GLU B 107 11.28 -12.21 -11.65
C GLU B 107 9.84 -12.74 -11.69
N PHE B 108 9.58 -13.82 -10.96
CA PHE B 108 8.37 -14.67 -11.07
C PHE B 108 7.37 -14.44 -9.92
N GLN B 109 7.80 -13.83 -8.82
CA GLN B 109 7.02 -13.66 -7.58
C GLN B 109 7.12 -12.20 -7.17
N LYS B 110 6.12 -11.37 -7.50
CA LYS B 110 6.11 -9.91 -7.19
C LYS B 110 4.73 -9.52 -6.66
N PRO B 111 4.68 -8.51 -5.76
CA PRO B 111 3.43 -7.94 -5.32
C PRO B 111 2.81 -7.05 -6.42
N ILE B 112 1.48 -7.01 -6.46
CA ILE B 112 0.68 -6.04 -7.24
C ILE B 112 0.35 -4.85 -6.34
N SER B 113 0.37 -3.67 -6.94
CA SER B 113 -0.11 -2.39 -6.36
C SER B 113 -1.61 -2.46 -6.11
N LEU B 114 -2.05 -1.75 -5.09
CA LEU B 114 -3.46 -1.54 -4.75
C LEU B 114 -3.85 -0.16 -5.21
N PRO B 115 -5.13 0.11 -5.48
CA PRO B 115 -5.56 1.46 -5.81
C PRO B 115 -5.74 2.34 -4.55
N SER B 116 -5.65 3.68 -4.69
CA SER B 116 -6.09 4.67 -3.67
C SER B 116 -7.57 4.39 -3.42
N LYS B 117 -8.08 4.78 -2.25
CA LYS B 117 -9.51 5.12 -2.07
C LYS B 117 -9.92 6.10 -3.17
N ALA B 118 -9.01 6.94 -3.64
CA ALA B 118 -9.25 8.04 -4.59
C ALA B 118 -9.57 7.52 -5.98
N ASP B 119 -9.27 6.24 -6.23
CA ASP B 119 -9.39 5.56 -7.55
C ASP B 119 -10.79 4.94 -7.70
N THR B 120 -11.63 5.08 -6.68
CA THR B 120 -13.00 4.51 -6.59
C THR B 120 -13.84 4.71 -7.86
N ASN B 121 -13.77 5.87 -8.51
CA ASN B 121 -14.65 6.22 -9.67
C ASN B 121 -13.83 6.24 -10.94
N THR B 122 -12.57 5.80 -10.87
CA THR B 122 -11.63 5.81 -12.01
C THR B 122 -12.13 4.77 -13.02
N ILE B 123 -11.94 5.03 -14.31
CA ILE B 123 -12.46 4.16 -15.39
C ILE B 123 -11.26 3.53 -16.08
N TYR B 124 -11.16 2.22 -15.92
CA TYR B 124 -10.06 1.37 -16.41
C TYR B 124 -10.48 0.84 -17.80
N THR B 125 -9.55 0.81 -18.75
CA THR B 125 -9.86 0.48 -20.17
C THR B 125 -9.19 -0.86 -20.56
N ASN B 126 -8.24 -1.37 -19.76
CA ASN B 126 -7.33 -2.49 -20.13
C ASN B 126 -7.19 -3.41 -18.92
N CYS B 127 -8.09 -4.39 -18.81
CA CYS B 127 -8.32 -5.21 -17.59
C CYS B 127 -8.20 -6.70 -17.91
N TRP B 128 -7.49 -7.45 -17.08
CA TRP B 128 -7.15 -8.88 -17.33
C TRP B 128 -7.63 -9.74 -16.15
N VAL B 129 -8.09 -10.97 -16.41
CA VAL B 129 -8.38 -12.00 -15.37
C VAL B 129 -7.38 -13.15 -15.55
N THR B 130 -6.90 -13.74 -14.45
CA THR B 130 -6.01 -14.91 -14.49
C THR B 130 -6.45 -15.95 -13.45
N GLY B 131 -6.12 -17.20 -13.72
CA GLY B 131 -6.18 -18.31 -12.77
C GLY B 131 -6.21 -19.64 -13.46
N TRP B 132 -6.38 -20.70 -12.67
CA TRP B 132 -6.36 -22.12 -13.12
C TRP B 132 -7.77 -22.70 -13.07
N GLY B 133 -8.81 -21.87 -13.11
CA GLY B 133 -10.21 -22.34 -13.07
C GLY B 133 -10.59 -23.17 -14.28
N TYR B 134 -11.90 -23.30 -14.54
CA TYR B 134 -12.44 -24.05 -15.69
C TYR B 134 -12.45 -23.13 -16.90
N THR B 135 -12.12 -23.66 -18.07
CA THR B 135 -12.24 -22.97 -19.40
C THR B 135 -13.68 -23.04 -19.93
N LYS B 136 -14.47 -23.99 -19.44
CA LYS B 136 -15.93 -24.08 -19.78
C LYS B 136 -16.72 -24.45 -18.53
N GLU B 137 -18.01 -24.15 -18.53
CA GLU B 137 -18.98 -24.74 -17.56
C GLU B 137 -18.88 -26.26 -17.65
N GLN B 138 -18.97 -26.95 -16.51
CA GLN B 138 -18.74 -28.42 -16.47
C GLN B 138 -17.33 -28.70 -17.00
N GLY B 139 -16.37 -27.84 -16.67
CA GLY B 139 -14.96 -27.91 -17.10
C GLY B 139 -14.09 -28.64 -16.09
N GLU B 140 -12.78 -28.41 -16.13
CA GLU B 140 -11.87 -29.00 -15.12
C GLU B 140 -10.64 -28.12 -14.87
N THR B 141 -10.17 -28.07 -13.62
CA THR B 141 -8.98 -27.31 -13.19
C THR B 141 -7.91 -27.50 -14.27
N GLN B 142 -7.23 -26.42 -14.65
CA GLN B 142 -6.14 -26.41 -15.66
C GLN B 142 -4.80 -26.61 -14.98
N ASN B 143 -3.82 -27.16 -15.70
CA ASN B 143 -2.39 -27.16 -15.29
C ASN B 143 -1.77 -25.78 -15.58
N ILE B 144 -1.99 -25.21 -16.77
CA ILE B 144 -1.33 -23.93 -17.18
C ILE B 144 -2.24 -22.76 -16.81
N LEU B 145 -1.70 -21.80 -16.03
CA LEU B 145 -2.34 -20.49 -15.73
C LEU B 145 -2.95 -19.91 -17.01
N GLN B 146 -4.20 -19.47 -16.96
CA GLN B 146 -4.90 -18.84 -18.10
C GLN B 146 -5.01 -17.35 -17.84
N LYS B 147 -5.15 -16.55 -18.89
CA LYS B 147 -5.37 -15.10 -18.84
C LYS B 147 -6.43 -14.75 -19.86
N ALA B 148 -7.11 -13.63 -19.68
CA ALA B 148 -8.09 -13.11 -20.63
C ALA B 148 -8.33 -11.64 -20.33
N THR B 149 -8.37 -10.78 -21.34
CA THR B 149 -8.79 -9.36 -21.22
C THR B 149 -10.31 -9.36 -21.17
N ILE B 150 -10.90 -8.46 -20.39
CA ILE B 150 -12.37 -8.35 -20.14
C ILE B 150 -12.74 -6.89 -19.96
N PRO B 151 -13.84 -6.42 -20.56
CA PRO B 151 -14.25 -5.04 -20.34
C PRO B 151 -15.09 -4.93 -19.07
N LEU B 152 -14.89 -3.86 -18.31
CA LEU B 152 -15.72 -3.57 -17.11
C LEU B 152 -17.09 -3.17 -17.62
N VAL B 153 -18.13 -3.80 -17.09
CA VAL B 153 -19.56 -3.44 -17.30
C VAL B 153 -19.96 -2.52 -16.17
N PRO B 154 -20.34 -1.24 -16.44
CA PRO B 154 -20.73 -0.31 -15.37
C PRO B 154 -21.88 -0.87 -14.53
N ASN B 155 -21.96 -0.45 -13.27
CA ASN B 155 -22.65 -1.18 -12.17
C ASN B 155 -24.15 -1.21 -12.42
N GLU B 156 -24.71 -0.14 -12.98
CA GLU B 156 -26.17 -0.05 -13.22
C GLU B 156 -26.57 -1.10 -14.28
N GLU B 157 -25.81 -1.19 -15.36
CA GLU B 157 -26.11 -2.14 -16.47
C GLU B 157 -25.87 -3.57 -16.01
N CYS B 158 -25.00 -3.77 -15.02
CA CYS B 158 -24.69 -5.09 -14.41
C CYS B 158 -25.85 -5.49 -13.49
N GLN B 159 -26.35 -4.57 -12.68
CA GLN B 159 -27.52 -4.82 -11.78
C GLN B 159 -28.67 -5.42 -12.61
N LYS B 160 -29.01 -4.80 -13.75
CA LYS B 160 -30.21 -5.14 -14.57
C LYS B 160 -29.99 -6.49 -15.27
N LYS B 161 -28.79 -7.06 -15.24
CA LYS B 161 -28.53 -8.41 -15.80
C LYS B 161 -28.54 -9.47 -14.68
N TYR B 162 -28.87 -9.05 -13.45
CA TYR B 162 -29.02 -9.91 -12.24
C TYR B 162 -30.14 -9.33 -11.38
N ARG B 163 -31.40 -9.54 -11.81
CA ARG B 163 -32.63 -9.01 -11.14
C ARG B 163 -32.75 -9.71 -9.77
N ASP B 164 -32.41 -11.00 -9.70
CA ASP B 164 -32.55 -11.85 -8.49
C ASP B 164 -31.62 -11.34 -7.38
N TYR B 165 -30.42 -10.88 -7.75
CA TYR B 165 -29.30 -10.57 -6.82
C TYR B 165 -29.04 -9.06 -6.76
N VAL B 166 -28.38 -8.63 -5.69
CA VAL B 166 -28.21 -7.19 -5.33
C VAL B 166 -26.74 -6.76 -5.51
N ILE B 167 -26.45 -5.93 -6.51
CA ILE B 167 -25.09 -5.39 -6.83
C ILE B 167 -24.74 -4.20 -5.94
N ASN B 168 -23.73 -4.34 -5.08
CA ASN B 168 -23.17 -3.26 -4.22
C ASN B 168 -22.35 -2.29 -5.08
N LYS B 169 -22.00 -1.16 -4.49
CA LYS B 169 -20.98 -0.22 -4.99
C LYS B 169 -19.60 -0.79 -4.66
N GLN B 170 -19.52 -1.70 -3.68
CA GLN B 170 -18.28 -2.44 -3.31
C GLN B 170 -18.18 -3.73 -4.12
N MET B 171 -18.81 -3.77 -5.29
CA MET B 171 -18.71 -4.87 -6.27
C MET B 171 -18.42 -4.19 -7.61
N ILE B 172 -17.88 -4.93 -8.56
CA ILE B 172 -17.46 -4.41 -9.88
C ILE B 172 -17.58 -5.59 -10.85
N CYS B 173 -18.16 -5.35 -12.01
CA CYS B 173 -18.64 -6.40 -12.94
C CYS B 173 -17.84 -6.33 -14.23
N ALA B 174 -17.64 -7.45 -14.87
CA ALA B 174 -16.77 -7.54 -16.06
C ALA B 174 -17.34 -8.60 -16.99
N GLY B 175 -17.30 -8.36 -18.29
CA GLY B 175 -17.81 -9.33 -19.27
C GLY B 175 -18.38 -8.68 -20.52
N TYR B 176 -18.62 -9.49 -21.55
CA TYR B 176 -19.17 -9.03 -22.85
C TYR B 176 -20.67 -9.27 -22.89
N LYS B 177 -21.41 -8.66 -23.83
CA LYS B 177 -22.88 -8.86 -23.87
C LYS B 177 -23.20 -10.33 -24.09
N GLU B 178 -22.50 -10.98 -25.01
CA GLU B 178 -22.62 -12.45 -25.10
C GLU B 178 -21.33 -12.90 -24.45
N GLY B 179 -20.36 -13.32 -25.25
CA GLY B 179 -19.01 -13.53 -24.73
C GLY B 179 -18.74 -14.87 -24.11
N GLY B 180 -17.52 -15.32 -24.29
CA GLY B 180 -17.01 -16.56 -23.70
C GLY B 180 -15.86 -16.23 -22.77
N THR B 181 -15.66 -14.95 -22.48
CA THR B 181 -14.55 -14.60 -21.58
C THR B 181 -15.13 -14.31 -20.21
N ASP B 182 -14.63 -15.04 -19.21
CA ASP B 182 -15.09 -14.90 -17.81
C ASP B 182 -14.22 -15.75 -16.90
N ALA B 183 -14.27 -15.46 -15.61
CA ALA B 183 -13.66 -16.30 -14.55
C ALA B 183 -14.61 -17.48 -14.31
N CYS B 184 -14.12 -18.62 -13.85
CA CYS B 184 -14.98 -19.79 -13.58
C CYS B 184 -14.54 -20.45 -12.27
N LYS B 185 -15.10 -21.62 -11.99
CA LYS B 185 -14.80 -22.44 -10.79
C LYS B 185 -13.30 -22.70 -10.74
N GLY B 186 -12.66 -22.37 -9.61
CA GLY B 186 -11.21 -22.48 -9.43
C GLY B 186 -10.50 -21.15 -9.65
N ASP B 187 -11.23 -20.09 -10.04
CA ASP B 187 -10.66 -18.72 -10.25
C ASP B 187 -11.01 -17.82 -9.05
N SER B 188 -11.90 -18.29 -8.19
CA SER B 188 -12.22 -17.70 -6.87
C SER B 188 -10.96 -17.12 -6.23
N GLY B 189 -11.05 -15.85 -5.81
CA GLY B 189 -10.00 -15.18 -5.03
C GLY B 189 -8.92 -14.62 -5.92
N GLY B 190 -8.98 -14.87 -7.22
CA GLY B 190 -7.98 -14.37 -8.17
C GLY B 190 -8.20 -12.90 -8.54
N PRO B 191 -7.17 -12.24 -9.09
CA PRO B 191 -7.24 -10.82 -9.39
C PRO B 191 -7.80 -10.45 -10.77
N LEU B 192 -8.74 -9.50 -10.81
CA LEU B 192 -8.97 -8.57 -11.94
C LEU B 192 -7.94 -7.45 -11.79
N VAL B 193 -7.01 -7.35 -12.72
CA VAL B 193 -5.99 -6.26 -12.78
C VAL B 193 -6.26 -5.37 -14.00
N CYS B 194 -6.02 -4.07 -13.85
CA CYS B 194 -6.09 -3.09 -14.95
C CYS B 194 -4.78 -2.30 -14.96
N LYS B 195 -4.33 -1.89 -16.13
CA LYS B 195 -3.18 -0.95 -16.31
C LYS B 195 -3.76 0.47 -16.30
N HIS B 196 -3.41 1.34 -15.34
CA HIS B 196 -3.92 2.75 -15.38
C HIS B 196 -2.83 3.76 -15.77
N SER B 197 -1.75 3.84 -15.02
CA SER B 197 -0.74 4.83 -15.45
C SER B 197 0.48 4.13 -16.09
N GLY B 198 0.23 3.00 -16.76
CA GLY B 198 1.37 2.21 -17.33
C GLY B 198 1.79 1.16 -16.31
N ARG B 199 1.12 1.20 -15.10
CA ARG B 199 1.39 0.12 -14.13
C ARG B 199 0.05 -0.61 -13.83
N TRP B 200 0.30 -1.90 -13.31
CA TRP B 200 -0.82 -2.83 -12.94
C TRP B 200 -1.33 -2.53 -11.53
N GLN B 201 -2.64 -2.65 -11.36
CA GLN B 201 -3.32 -2.45 -10.06
C GLN B 201 -4.35 -3.55 -9.92
N LEU B 202 -4.38 -4.19 -8.75
CA LEU B 202 -5.49 -5.10 -8.32
C LEU B 202 -6.75 -4.25 -8.28
N VAL B 203 -7.70 -4.48 -9.16
CA VAL B 203 -8.92 -3.65 -9.13
C VAL B 203 -10.05 -4.48 -8.53
N GLY B 204 -9.92 -5.80 -8.61
CA GLY B 204 -11.03 -6.68 -8.25
C GLY B 204 -10.55 -8.06 -7.92
N ILE B 205 -11.33 -8.77 -7.13
CA ILE B 205 -11.06 -10.17 -6.70
C ILE B 205 -12.21 -11.01 -7.20
N THR B 206 -11.94 -12.09 -7.90
CA THR B 206 -13.00 -12.99 -8.44
C THR B 206 -13.88 -13.47 -7.29
N SER B 207 -15.20 -13.27 -7.39
CA SER B 207 -16.18 -13.47 -6.28
C SER B 207 -17.32 -14.41 -6.70
N TRP B 208 -18.21 -13.96 -7.56
CA TRP B 208 -19.33 -14.84 -7.96
C TRP B 208 -19.84 -14.48 -9.34
N GLY B 209 -20.54 -15.42 -9.97
CA GLY B 209 -21.14 -15.18 -11.30
C GLY B 209 -22.20 -16.22 -11.57
N GLU B 210 -23.15 -15.93 -12.45
CA GLU B 210 -24.17 -16.96 -12.74
C GLU B 210 -23.66 -17.70 -13.97
N GLY B 211 -23.08 -18.88 -13.75
CA GLY B 211 -22.48 -19.64 -14.87
C GLY B 211 -21.12 -19.09 -15.25
N CYS B 212 -20.59 -19.53 -16.37
CA CYS B 212 -19.28 -18.98 -16.77
C CYS B 212 -19.37 -18.49 -18.21
N ALA B 213 -19.44 -17.17 -18.42
CA ALA B 213 -19.33 -16.64 -19.80
C ALA B 213 -20.66 -16.83 -20.56
N ARG B 214 -21.74 -17.08 -19.82
CA ARG B 214 -23.13 -17.10 -20.35
C ARG B 214 -23.40 -15.75 -21.02
N LYS B 215 -24.41 -15.70 -21.89
CA LYS B 215 -24.79 -14.47 -22.64
C LYS B 215 -25.30 -13.43 -21.65
N ASP B 216 -24.62 -12.30 -21.50
CA ASP B 216 -25.17 -11.12 -20.77
C ASP B 216 -25.21 -11.42 -19.26
N GLN B 217 -24.46 -12.42 -18.79
CA GLN B 217 -24.30 -12.74 -17.34
C GLN B 217 -22.86 -12.42 -16.94
N PRO B 218 -22.54 -11.14 -16.70
CA PRO B 218 -21.18 -10.76 -16.32
C PRO B 218 -20.69 -11.33 -14.99
N GLY B 219 -19.39 -11.55 -14.88
CA GLY B 219 -18.74 -11.91 -13.62
C GLY B 219 -18.81 -10.74 -12.65
N VAL B 220 -18.93 -11.04 -11.37
CA VAL B 220 -18.96 -10.06 -10.26
C VAL B 220 -17.72 -10.24 -9.37
N TYR B 221 -17.01 -9.15 -9.08
CA TYR B 221 -15.71 -9.13 -8.37
C TYR B 221 -15.77 -8.13 -7.20
N THR B 222 -15.39 -8.53 -6.00
CA THR B 222 -15.09 -7.59 -4.90
C THR B 222 -14.20 -6.48 -5.45
N LYS B 223 -14.60 -5.23 -5.23
CA LYS B 223 -13.93 -4.00 -5.74
C LYS B 223 -13.00 -3.49 -4.64
N VAL B 224 -11.70 -3.68 -4.81
CA VAL B 224 -10.66 -3.57 -3.75
C VAL B 224 -10.52 -2.12 -3.29
N SER B 225 -10.55 -1.15 -4.20
CA SER B 225 -10.49 0.31 -3.87
C SER B 225 -11.42 0.62 -2.68
N GLU B 226 -12.59 -0.02 -2.67
CA GLU B 226 -13.66 0.18 -1.66
C GLU B 226 -13.31 -0.51 -0.32
N TYR B 227 -12.26 -1.31 -0.22
CA TYR B 227 -11.87 -1.94 1.06
C TYR B 227 -10.51 -1.45 1.51
N MET B 228 -10.04 -0.32 1.00
CA MET B 228 -8.63 0.09 1.24
C MET B 228 -8.44 0.47 2.70
N ASP B 229 -9.47 0.96 3.40
CA ASP B 229 -9.36 1.34 4.83
C ASP B 229 -9.30 0.07 5.68
N TRP B 230 -10.15 -0.91 5.38
CA TRP B 230 -10.08 -2.28 5.95
C TRP B 230 -8.69 -2.88 5.77
N ILE B 231 -8.08 -2.72 4.59
CA ILE B 231 -6.73 -3.28 4.34
C ILE B 231 -5.68 -2.59 5.21
N LEU B 232 -5.76 -1.26 5.39
CA LEU B 232 -4.73 -0.53 6.19
C LEU B 232 -4.92 -0.96 7.63
N GLU B 233 -6.16 -0.92 8.11
CA GLU B 233 -6.53 -1.37 9.48
C GLU B 233 -5.84 -2.72 9.77
N LYS B 234 -6.13 -3.75 8.98
CA LYS B 234 -5.74 -5.13 9.34
C LYS B 234 -4.27 -5.37 9.07
N THR B 235 -3.59 -4.52 8.31
CA THR B 235 -2.13 -4.70 8.01
C THR B 235 -1.27 -3.70 8.80
N GLN B 236 -1.89 -2.71 9.47
CA GLN B 236 -1.29 -1.68 10.39
C GLN B 236 -1.21 -0.31 9.70
N CYS C 1 -23.47 -25.86 -2.87
CA CYS C 1 -23.06 -24.96 -3.99
C CYS C 1 -24.30 -24.40 -4.70
N PRO C 2 -24.69 -23.15 -4.39
CA PRO C 2 -25.70 -22.42 -5.16
C PRO C 2 -25.40 -22.27 -6.66
N ALA C 3 -26.13 -21.40 -7.35
CA ALA C 3 -25.97 -21.12 -8.80
C ALA C 3 -24.79 -20.17 -9.01
N TYR C 4 -24.71 -19.10 -8.20
CA TYR C 4 -23.68 -18.03 -8.27
C TYR C 4 -22.27 -18.54 -7.92
N SER C 5 -22.03 -19.67 -7.13
CA SER C 5 -20.74 -20.23 -6.64
C SER C 5 -19.93 -20.70 -7.86
N ALA C 6 -18.91 -19.72 -7.90
CA ALA C 6 -17.63 -19.89 -8.48
C ALA C 6 -16.47 -20.88 -7.94
N TYR C 7 -16.82 -21.64 -6.88
CA TYR C 7 -16.02 -22.45 -5.96
C TYR C 7 -15.97 -23.89 -6.35
N LEU C 8 -14.82 -24.38 -6.23
CA LEU C 8 -14.36 -25.48 -7.09
C LEU C 8 -15.12 -26.78 -6.88
N ASP C 9 -15.32 -27.19 -5.61
CA ASP C 9 -15.94 -28.47 -5.22
C ASP C 9 -17.19 -28.76 -6.07
N CYS C 10 -17.92 -27.72 -6.51
CA CYS C 10 -19.22 -27.86 -7.22
C CYS C 10 -19.52 -26.61 -8.05
#